data_7E09
#
_entry.id   7E09
#
_cell.length_a   75.390
_cell.length_b   75.390
_cell.length_c   143.650
_cell.angle_alpha   90.000
_cell.angle_beta   90.000
_cell.angle_gamma   90.000
#
_symmetry.space_group_name_H-M   'P 41 2 2'
#
loop_
_entity.id
_entity.type
_entity.pdbx_description
1 polymer 'Phytanoyl-CoA dioxygenase'
2 non-polymer 3-HYDROXYPROLINE
3 water water
#
_entity_poly.entity_id   1
_entity_poly.type   'polypeptide(L)'
_entity_poly.pdbx_seq_one_letter_code
;MEPHDTLSPAQVDEYRKNGFLVQEHVFDEEEIELLRAEAAQEFASGGERVTVEQNTGIVRGVHGCHLYSEVFGRLVRSPR
LLPIARQLLRDDVYVHQFKINAKRAFKGEVWEWHQDYTFWHHEDGMPAPRALSAAIFLDEVTEFNGPLTFVPGGHGSGMI
DADVKGEGWANTLTASLKYSLDVETMRGLIERNGMVAPKGPRGSVLWFDANIPHSSVPNISPFDRGLVLITYNSVENKTD
VTRGTRPEWLAARDFTPLTALQATSF
;
_entity_poly.pdbx_strand_id   A
#
# COMPACT_ATOMS: atom_id res chain seq x y z
N MET A 1 3.73 -19.44 17.38
CA MET A 1 2.72 -18.72 16.57
C MET A 1 1.33 -18.93 17.22
N GLU A 2 0.43 -17.98 16.99
CA GLU A 2 -0.90 -17.88 17.63
C GLU A 2 -1.96 -18.54 16.70
N PRO A 3 -3.26 -18.50 17.06
CA PRO A 3 -4.21 -18.51 15.98
C PRO A 3 -3.94 -17.35 15.01
N HIS A 4 -4.04 -17.61 13.70
CA HIS A 4 -4.11 -16.56 12.69
C HIS A 4 -5.04 -15.42 13.07
N ASP A 5 -4.63 -14.20 12.75
CA ASP A 5 -5.44 -13.02 13.09
C ASP A 5 -6.63 -12.89 12.13
N THR A 6 -7.82 -12.52 12.61
CA THR A 6 -8.94 -12.16 11.74
C THR A 6 -9.51 -10.82 12.15
N LEU A 7 -10.06 -10.08 11.22
CA LEU A 7 -10.87 -8.95 11.57
C LEU A 7 -12.19 -9.42 12.18
N SER A 8 -12.72 -8.65 13.14
CA SER A 8 -14.05 -8.88 13.67
C SER A 8 -15.07 -8.39 12.63
N PRO A 9 -16.31 -8.90 12.71
CA PRO A 9 -17.40 -8.49 11.78
C PRO A 9 -17.61 -7.00 11.64
N ALA A 10 -17.57 -6.31 12.79
CA ALA A 10 -17.51 -4.85 12.86
C ALA A 10 -16.35 -4.25 12.06
N GLN A 11 -15.13 -4.74 12.29
CA GLN A 11 -13.97 -4.28 11.46
C GLN A 11 -14.22 -4.50 9.97
N VAL A 12 -14.69 -5.68 9.62
CA VAL A 12 -14.94 -5.96 8.19
C VAL A 12 -15.95 -4.97 7.68
N ASP A 13 -17.07 -4.78 8.39
CA ASP A 13 -18.12 -3.84 7.92
C ASP A 13 -17.55 -2.45 7.76
N GLU A 14 -16.79 -2.03 8.77
CA GLU A 14 -16.14 -0.73 8.68
C GLU A 14 -15.25 -0.62 7.44
N TYR A 15 -14.47 -1.68 7.16
CA TYR A 15 -13.56 -1.71 5.99
C TYR A 15 -14.34 -1.59 4.69
N ARG A 16 -15.35 -2.44 4.49
CA ARG A 16 -16.13 -2.38 3.24
C ARG A 16 -16.88 -1.02 3.07
N LYS A 17 -17.52 -0.56 4.13
CA LYS A 17 -18.25 0.72 4.06
C LYS A 17 -17.27 1.86 3.73
N ASN A 18 -16.17 2.02 4.49
CA ASN A 18 -15.21 3.11 4.23
C ASN A 18 -14.14 2.88 3.21
N GLY A 19 -13.73 1.60 2.99
CA GLY A 19 -12.60 1.27 2.06
C GLY A 19 -11.20 1.40 2.66
N PHE A 20 -11.15 1.58 3.98
CA PHE A 20 -9.92 1.60 4.72
C PHE A 20 -10.19 1.23 6.14
N LEU A 21 -9.13 0.87 6.87
CA LEU A 21 -9.26 0.45 8.24
C LEU A 21 -7.86 0.31 8.90
N VAL A 22 -7.72 0.81 10.13
CA VAL A 22 -6.51 0.85 10.86
C VAL A 22 -6.65 -0.15 11.94
N GLN A 23 -5.67 -1.05 12.06
CA GLN A 23 -5.58 -1.89 13.28
C GLN A 23 -4.41 -1.35 14.04
N GLU A 24 -4.58 -1.07 15.32
CA GLU A 24 -3.49 -0.41 16.04
C GLU A 24 -2.52 -1.42 16.62
N HIS A 25 -1.22 -1.12 16.66
CA HIS A 25 -0.29 -1.92 17.48
C HIS A 25 -0.20 -3.41 17.03
N VAL A 26 -0.09 -3.67 15.72
CA VAL A 26 -0.12 -5.03 15.21
C VAL A 26 1.27 -5.65 15.48
N PHE A 27 2.32 -4.89 15.17
CA PHE A 27 3.68 -5.18 15.50
C PHE A 27 4.26 -4.40 16.65
N ASP A 28 5.17 -5.01 17.40
CA ASP A 28 5.86 -4.29 18.48
C ASP A 28 7.09 -3.51 17.97
N GLU A 29 7.78 -2.83 18.88
CA GLU A 29 8.91 -1.92 18.51
C GLU A 29 10.04 -2.66 17.99
N GLU A 30 10.28 -3.84 18.61
CA GLU A 30 11.39 -4.70 18.17
C GLU A 30 11.16 -5.20 16.74
N GLU A 31 9.97 -5.69 16.46
CA GLU A 31 9.61 -6.05 15.07
C GLU A 31 9.72 -4.87 14.17
N ILE A 32 9.23 -3.69 14.65
CA ILE A 32 9.33 -2.51 13.78
C ILE A 32 10.77 -2.09 13.47
N GLU A 33 11.64 -2.16 14.46
CA GLU A 33 13.09 -1.87 14.25
C GLU A 33 13.72 -2.84 13.30
N LEU A 34 13.36 -4.13 13.38
CA LEU A 34 13.87 -5.08 12.35
C LEU A 34 13.43 -4.61 10.99
N LEU A 35 12.15 -4.19 10.83
CA LEU A 35 11.73 -3.69 9.53
C LEU A 35 12.41 -2.37 9.12
N ARG A 36 12.62 -1.45 10.08
N ARG A 36 12.61 -1.45 10.07
CA ARG A 36 13.35 -0.20 9.79
CA ARG A 36 13.33 -0.20 9.74
C ARG A 36 14.75 -0.50 9.25
C ARG A 36 14.77 -0.51 9.24
N ALA A 37 15.46 -1.40 9.95
CA ALA A 37 16.82 -1.73 9.56
C ALA A 37 16.84 -2.36 8.23
N GLU A 38 15.87 -3.20 7.89
CA GLU A 38 15.90 -3.83 6.58
C GLU A 38 15.59 -2.84 5.48
N ALA A 39 14.69 -1.90 5.79
CA ALA A 39 14.32 -0.82 4.85
C ALA A 39 15.50 0.06 4.53
N ALA A 40 16.27 0.44 5.56
CA ALA A 40 17.52 1.19 5.31
C ALA A 40 18.50 0.43 4.41
N GLN A 41 18.71 -0.85 4.64
CA GLN A 41 19.54 -1.62 3.72
C GLN A 41 19.03 -1.62 2.29
N GLU A 42 17.72 -1.73 2.07
CA GLU A 42 17.15 -1.68 0.71
C GLU A 42 17.24 -0.29 0.05
N PHE A 43 16.98 0.76 0.83
CA PHE A 43 17.20 2.12 0.33
C PHE A 43 18.63 2.31 -0.19
N ALA A 44 19.61 1.70 0.50
CA ALA A 44 21.04 1.78 0.19
C ALA A 44 21.54 0.91 -0.97
N SER A 45 20.89 -0.22 -1.24
CA SER A 45 21.34 -1.10 -2.35
C SER A 45 20.23 -1.54 -3.33
N GLY A 46 19.13 -0.79 -3.37
CA GLY A 46 18.00 -1.13 -4.26
C GLY A 46 18.24 -0.87 -5.73
N GLY A 47 19.18 0.06 -6.04
CA GLY A 47 19.58 0.36 -7.43
C GLY A 47 18.49 1.03 -8.24
N GLU A 48 18.17 0.43 -9.40
CA GLU A 48 17.08 0.92 -10.28
C GLU A 48 15.69 0.86 -9.64
N ARG A 49 15.53 0.05 -8.57
CA ARG A 49 14.23 -0.09 -7.87
C ARG A 49 13.94 1.04 -6.90
N VAL A 50 14.94 1.89 -6.66
CA VAL A 50 14.82 3.04 -5.73
C VAL A 50 14.14 4.28 -6.43
N THR A 51 13.63 5.25 -5.67
CA THR A 51 13.03 6.50 -6.18
C THR A 51 13.43 7.66 -5.25
N VAL A 52 13.70 8.85 -5.82
CA VAL A 52 14.36 9.95 -5.05
C VAL A 52 13.47 11.18 -4.85
N GLY A 57 16.38 14.20 -4.48
CA GLY A 57 17.70 13.58 -4.58
C GLY A 57 18.06 12.59 -3.47
N ILE A 58 17.55 12.85 -2.26
CA ILE A 58 17.63 11.88 -1.16
C ILE A 58 16.54 10.80 -1.36
N VAL A 59 16.94 9.54 -1.13
CA VAL A 59 16.08 8.33 -1.28
C VAL A 59 14.75 8.41 -0.53
N ARG A 60 13.64 8.11 -1.20
CA ARG A 60 12.27 8.26 -0.67
C ARG A 60 11.32 6.97 -0.82
N GLY A 61 11.62 6.13 -1.81
CA GLY A 61 10.86 4.97 -2.18
C GLY A 61 11.78 3.80 -2.58
N VAL A 62 11.34 2.57 -2.32
CA VAL A 62 11.91 1.35 -2.98
C VAL A 62 10.77 0.33 -3.30
N HIS A 63 10.86 -0.32 -4.45
CA HIS A 63 9.89 -1.24 -5.00
C HIS A 63 10.40 -2.71 -5.10
N GLY A 64 9.53 -3.68 -4.80
CA GLY A 64 9.81 -5.13 -4.94
C GLY A 64 10.69 -5.82 -3.90
N CYS A 65 10.93 -5.22 -2.75
CA CYS A 65 11.84 -5.80 -1.76
C CYS A 65 11.56 -7.21 -1.25
N HIS A 66 10.31 -7.66 -1.25
CA HIS A 66 9.94 -9.05 -0.87
C HIS A 66 10.44 -10.11 -1.82
N LEU A 67 10.81 -9.73 -3.04
CA LEU A 67 11.46 -10.64 -3.96
C LEU A 67 12.92 -10.79 -3.64
N TYR A 68 13.55 -9.87 -2.92
CA TYR A 68 15.02 -9.91 -2.72
C TYR A 68 15.43 -10.06 -1.28
N SER A 69 14.54 -9.81 -0.34
CA SER A 69 14.90 -9.76 1.07
C SER A 69 14.20 -10.92 1.74
N GLU A 70 14.94 -11.74 2.45
CA GLU A 70 14.39 -12.79 3.25
C GLU A 70 13.41 -12.27 4.32
N VAL A 71 13.77 -11.21 5.02
CA VAL A 71 12.89 -10.61 6.04
C VAL A 71 11.52 -10.15 5.37
N PHE A 72 11.63 -9.48 4.24
CA PHE A 72 10.43 -8.99 3.60
C PHE A 72 9.58 -10.10 2.99
N GLY A 73 10.23 -11.17 2.49
CA GLY A 73 9.53 -12.37 1.94
C GLY A 73 8.81 -13.11 3.07
N ARG A 74 9.34 -13.09 4.28
CA ARG A 74 8.61 -13.65 5.42
C ARG A 74 7.48 -12.72 5.91
N LEU A 75 7.78 -11.43 5.93
CA LEU A 75 6.76 -10.45 6.31
C LEU A 75 5.46 -10.64 5.56
N VAL A 76 5.49 -10.76 4.25
CA VAL A 76 4.26 -10.87 3.51
C VAL A 76 3.41 -12.14 3.84
N ARG A 77 4.01 -13.16 4.48
CA ARG A 77 3.37 -14.42 4.80
C ARG A 77 3.04 -14.48 6.29
N SER A 78 3.21 -13.36 6.99
CA SER A 78 3.00 -13.29 8.43
C SER A 78 1.57 -13.61 8.79
N PRO A 79 1.34 -14.32 9.90
CA PRO A 79 -0.01 -14.53 10.40
C PRO A 79 -0.71 -13.34 10.95
N ARG A 80 -0.04 -12.18 11.10
CA ARG A 80 -0.73 -10.91 11.37
C ARG A 80 -1.30 -10.32 10.09
N LEU A 81 -0.81 -10.74 8.90
CA LEU A 81 -1.21 -10.08 7.64
C LEU A 81 -1.97 -10.96 6.62
N LEU A 82 -1.38 -12.11 6.25
CA LEU A 82 -1.90 -12.90 5.21
C LEU A 82 -3.37 -13.31 5.44
N PRO A 83 -3.73 -13.71 6.66
CA PRO A 83 -5.10 -14.14 6.88
C PRO A 83 -6.12 -13.04 6.77
N ILE A 84 -5.76 -11.82 7.11
CA ILE A 84 -6.72 -10.73 6.91
C ILE A 84 -6.88 -10.46 5.43
N ALA A 85 -5.82 -10.56 4.69
CA ALA A 85 -5.95 -10.31 3.27
C ALA A 85 -6.79 -11.40 2.60
N ARG A 86 -6.58 -12.67 2.97
CA ARG A 86 -7.52 -13.75 2.58
C ARG A 86 -8.97 -13.44 2.95
N GLN A 87 -9.14 -12.98 4.16
CA GLN A 87 -10.48 -12.69 4.67
C GLN A 87 -11.13 -11.55 3.86
N LEU A 88 -10.41 -10.49 3.60
CA LEU A 88 -11.01 -9.40 2.92
C LEU A 88 -11.18 -9.66 1.45
N LEU A 89 -10.27 -10.39 0.80
CA LEU A 89 -10.43 -10.60 -0.64
C LEU A 89 -11.21 -11.88 -0.92
N ARG A 90 -11.46 -12.71 0.10
CA ARG A 90 -12.25 -13.95 -0.02
C ARG A 90 -11.64 -14.87 -1.05
N ASP A 91 -10.35 -15.01 -0.97
CA ASP A 91 -9.61 -15.80 -1.93
C ASP A 91 -8.29 -16.16 -1.35
N ASP A 92 -7.57 -17.06 -2.01
CA ASP A 92 -6.17 -17.15 -1.80
C ASP A 92 -5.64 -15.85 -2.44
N VAL A 93 -4.47 -15.44 -1.98
CA VAL A 93 -3.82 -14.22 -2.40
C VAL A 93 -2.36 -14.41 -2.65
N TYR A 94 -1.83 -13.43 -3.34
CA TYR A 94 -0.38 -13.27 -3.63
C TYR A 94 -0.03 -11.75 -3.61
N VAL A 95 1.23 -11.44 -3.58
CA VAL A 95 1.69 -10.05 -3.56
C VAL A 95 1.87 -9.53 -4.98
N HIS A 96 1.04 -8.56 -5.39
CA HIS A 96 1.21 -7.84 -6.66
C HIS A 96 2.38 -6.83 -6.67
N GLN A 97 2.54 -6.13 -5.56
CA GLN A 97 3.50 -5.04 -5.46
C GLN A 97 3.89 -4.86 -4.03
N PHE A 98 5.15 -4.58 -3.82
CA PHE A 98 5.65 -4.25 -2.50
C PHE A 98 6.45 -2.92 -2.58
N LYS A 99 6.22 -2.01 -1.65
CA LYS A 99 7.06 -0.80 -1.65
C LYS A 99 7.19 -0.18 -0.30
N ILE A 100 8.35 0.43 -0.09
CA ILE A 100 8.60 1.29 1.09
C ILE A 100 8.63 2.79 0.71
N ASN A 101 7.84 3.61 1.42
CA ASN A 101 7.75 5.07 1.20
C ASN A 101 8.06 5.84 2.47
N ALA A 102 9.24 6.47 2.52
CA ALA A 102 9.59 7.38 3.63
C ALA A 102 9.32 8.87 3.25
N LYS A 103 8.66 9.59 4.13
CA LYS A 103 8.63 11.05 4.10
C LYS A 103 9.44 11.48 5.27
N ARG A 104 10.66 11.92 5.05
CA ARG A 104 11.49 12.42 6.16
C ARG A 104 10.94 13.73 6.80
N ALA A 105 11.27 13.95 8.07
CA ALA A 105 11.00 15.21 8.82
C ALA A 105 11.28 16.46 7.99
N PHE A 106 10.35 17.44 7.99
CA PHE A 106 10.45 18.70 7.20
C PHE A 106 10.63 18.50 5.71
N LYS A 107 10.29 17.32 5.24
CA LYS A 107 10.45 16.99 3.85
C LYS A 107 9.10 16.47 3.31
N GLY A 108 9.11 16.08 2.04
CA GLY A 108 8.00 15.39 1.41
C GLY A 108 7.34 16.19 0.31
N GLU A 109 6.47 15.50 -0.41
CA GLU A 109 5.75 16.06 -1.54
C GLU A 109 4.23 15.96 -1.32
N VAL A 110 3.48 16.76 -2.10
CA VAL A 110 2.04 16.59 -2.29
C VAL A 110 1.84 15.47 -3.30
N TRP A 111 1.14 14.42 -2.89
CA TRP A 111 0.79 13.32 -3.76
C TRP A 111 -0.64 13.58 -4.19
N GLU A 112 -0.79 13.96 -5.47
CA GLU A 112 -2.10 14.17 -6.12
C GLU A 112 -3.10 13.02 -5.85
N TRP A 113 -4.36 13.36 -5.66
CA TRP A 113 -5.41 12.36 -5.51
C TRP A 113 -5.35 11.32 -6.62
N HIS A 114 -5.49 10.04 -6.27
CA HIS A 114 -5.42 8.91 -7.22
C HIS A 114 -6.04 7.62 -6.68
N GLN A 115 -6.22 6.70 -7.61
CA GLN A 115 -6.71 5.34 -7.33
C GLN A 115 -5.67 4.38 -7.82
N ASP A 116 -5.15 3.51 -6.94
CA ASP A 116 -4.19 2.45 -7.33
C ASP A 116 -4.72 1.55 -8.42
N TYR A 117 -5.97 1.10 -8.33
CA TYR A 117 -6.52 0.22 -9.34
C TYR A 117 -6.37 0.78 -10.76
N THR A 118 -6.56 2.08 -10.89
CA THR A 118 -6.48 2.74 -12.20
C THR A 118 -5.14 2.46 -12.86
N PHE A 119 -4.04 2.61 -12.11
CA PHE A 119 -2.71 2.25 -12.59
C PHE A 119 -2.60 0.74 -12.85
N TRP A 120 -3.16 -0.08 -11.98
CA TRP A 120 -2.92 -1.55 -12.08
C TRP A 120 -3.72 -2.15 -13.22
N HIS A 121 -4.91 -1.63 -13.42
CA HIS A 121 -5.73 -2.04 -14.57
C HIS A 121 -4.97 -1.72 -15.86
N HIS A 122 -4.58 -0.45 -16.07
CA HIS A 122 -3.99 0.01 -17.35
C HIS A 122 -2.56 -0.41 -17.52
N GLU A 123 -1.74 -0.35 -16.49
CA GLU A 123 -0.34 -0.71 -16.64
C GLU A 123 -0.09 -2.22 -16.60
N ASP A 124 -0.83 -2.96 -15.75
CA ASP A 124 -0.45 -4.35 -15.46
C ASP A 124 -1.46 -5.41 -15.93
N GLY A 125 -2.68 -4.99 -16.25
CA GLY A 125 -3.71 -5.89 -16.71
C GLY A 125 -4.60 -6.42 -15.62
N MET A 126 -4.69 -5.74 -14.48
CA MET A 126 -5.53 -6.18 -13.37
C MET A 126 -7.02 -6.14 -13.78
N PRO A 127 -7.68 -7.32 -13.81
CA PRO A 127 -9.01 -7.39 -14.39
C PRO A 127 -10.03 -6.67 -13.58
N ALA A 128 -9.96 -6.78 -12.27
CA ALA A 128 -11.00 -6.24 -11.37
C ALA A 128 -10.28 -5.61 -10.18
N PRO A 129 -10.96 -4.71 -9.43
CA PRO A 129 -10.34 -4.07 -8.27
C PRO A 129 -10.32 -4.98 -7.06
N ARG A 130 -10.02 -6.28 -7.21
CA ARG A 130 -10.15 -7.24 -6.09
C ARG A 130 -8.74 -7.38 -5.43
N ALA A 131 -8.33 -6.28 -4.81
CA ALA A 131 -6.98 -6.09 -4.28
C ALA A 131 -7.05 -5.05 -3.20
N LEU A 132 -6.00 -5.06 -2.38
CA LEU A 132 -5.86 -4.11 -1.33
C LEU A 132 -4.40 -3.96 -0.91
N SER A 133 -4.11 -2.91 -0.11
CA SER A 133 -2.77 -2.64 0.36
C SER A 133 -2.79 -2.63 1.88
N ALA A 134 -1.72 -3.14 2.49
CA ALA A 134 -1.54 -3.06 3.93
C ALA A 134 -0.34 -2.18 4.09
N ALA A 135 -0.54 -1.10 4.82
CA ALA A 135 0.55 -0.13 5.07
C ALA A 135 0.91 -0.21 6.50
N ILE A 136 2.08 -0.75 6.75
CA ILE A 136 2.57 -0.92 8.09
C ILE A 136 3.22 0.38 8.51
N PHE A 137 2.89 0.83 9.70
CA PHE A 137 3.46 2.10 10.21
C PHE A 137 4.80 1.88 10.92
N LEU A 138 5.88 2.28 10.29
CA LEU A 138 7.21 2.20 10.89
C LEU A 138 7.47 3.32 11.89
N ASP A 139 6.62 4.35 11.81
CA ASP A 139 6.60 5.51 12.68
C ASP A 139 5.15 5.83 12.96
N GLU A 140 4.90 6.48 14.07
CA GLU A 140 3.61 7.06 14.39
C GLU A 140 3.13 7.93 13.27
N VAL A 141 1.88 7.70 12.84
CA VAL A 141 1.23 8.55 11.78
C VAL A 141 0.28 9.53 12.52
N THR A 142 0.49 10.80 12.25
CA THR A 142 -0.27 11.89 12.90
C THR A 142 -0.81 12.75 11.81
N GLU A 143 -1.51 13.77 12.28
CA GLU A 143 -1.92 14.91 11.47
C GLU A 143 -0.83 15.57 10.67
N PHE A 144 0.40 15.57 11.17
CA PHE A 144 1.42 16.49 10.65
C PHE A 144 2.59 15.86 9.93
N ASN A 145 2.67 14.52 9.87
CA ASN A 145 3.77 13.88 9.08
C ASN A 145 3.41 13.29 7.74
N GLY A 146 2.36 13.84 7.14
CA GLY A 146 1.94 13.56 5.78
C GLY A 146 1.18 12.23 5.71
N PRO A 147 0.12 12.08 6.48
CA PRO A 147 -0.65 10.81 6.45
C PRO A 147 -1.32 10.60 5.14
N LEU A 148 -1.46 9.35 4.75
CA LEU A 148 -2.25 8.99 3.59
C LEU A 148 -3.63 9.51 3.91
N THR A 149 -4.24 10.16 2.94
CA THR A 149 -5.57 10.78 3.11
C THR A 149 -6.51 10.24 2.06
N PHE A 150 -7.70 9.91 2.51
CA PHE A 150 -8.71 9.17 1.74
C PHE A 150 -10.09 9.89 1.66
N VAL A 151 -10.86 9.56 0.61
CA VAL A 151 -12.31 9.83 0.61
C VAL A 151 -12.99 8.57 1.08
N PRO A 152 -13.59 8.59 2.27
CA PRO A 152 -14.31 7.41 2.74
C PRO A 152 -15.53 7.06 1.91
N GLY A 153 -15.64 5.78 1.53
CA GLY A 153 -16.73 5.30 0.69
C GLY A 153 -16.42 5.58 -0.78
N GLY A 154 -15.27 6.18 -1.10
CA GLY A 154 -15.03 6.64 -2.49
C GLY A 154 -14.59 5.59 -3.46
N HIS A 155 -14.31 4.43 -2.90
CA HIS A 155 -14.09 3.25 -3.67
C HIS A 155 -15.36 2.72 -4.34
N GLY A 156 -16.54 3.05 -3.83
CA GLY A 156 -17.81 2.54 -4.37
C GLY A 156 -18.31 3.23 -5.64
N SER A 157 -17.64 4.31 -6.00
CA SER A 157 -17.95 5.05 -7.18
C SER A 157 -17.14 4.46 -8.32
N GLY A 158 -16.81 3.18 -8.23
CA GLY A 158 -16.03 2.54 -9.25
C GLY A 158 -14.78 3.33 -9.60
N MET A 159 -14.12 2.92 -10.67
CA MET A 159 -12.93 3.57 -11.17
C MET A 159 -13.44 4.85 -11.77
N ILE A 160 -12.73 5.93 -11.53
CA ILE A 160 -13.11 7.27 -11.96
C ILE A 160 -12.24 7.64 -13.14
N ASP A 161 -12.87 8.19 -14.18
CA ASP A 161 -12.14 8.58 -15.38
C ASP A 161 -11.22 9.72 -15.01
N ALA A 162 -9.98 9.62 -15.48
CA ALA A 162 -8.88 10.38 -14.91
C ALA A 162 -8.08 11.03 -16.01
N ASP A 163 -7.50 12.18 -15.66
CA ASP A 163 -6.53 12.87 -16.53
C ASP A 163 -5.26 11.97 -16.62
N VAL A 164 -4.79 11.73 -17.86
CA VAL A 164 -3.67 10.82 -18.20
C VAL A 164 -2.48 11.60 -18.76
N LYS A 165 -1.27 11.37 -18.23
CA LYS A 165 -0.02 12.06 -18.67
C LYS A 165 1.10 11.05 -18.99
N GLY A 166 2.29 11.54 -19.33
CA GLY A 166 3.49 10.69 -19.52
C GLY A 166 3.50 9.69 -20.68
N GLU A 167 4.64 8.99 -20.82
CA GLU A 167 4.78 7.79 -21.69
C GLU A 167 5.55 6.71 -20.91
N GLY A 168 5.13 5.45 -21.07
CA GLY A 168 5.69 4.33 -20.28
C GLY A 168 5.25 4.38 -18.82
N TRP A 169 6.07 3.79 -17.93
CA TRP A 169 5.82 3.76 -16.46
C TRP A 169 6.74 4.70 -15.64
N ALA A 170 7.39 5.65 -16.34
CA ALA A 170 8.33 6.64 -15.74
C ALA A 170 7.76 7.40 -14.52
N ASN A 171 6.53 7.94 -14.65
CA ASN A 171 5.85 8.71 -13.55
C ASN A 171 4.65 8.00 -12.86
N THR A 172 4.77 6.67 -12.76
CA THR A 172 3.94 5.84 -11.85
C THR A 172 4.45 5.92 -10.38
N LEU A 173 5.75 6.14 -10.22
CA LEU A 173 6.45 6.04 -8.94
C LEU A 173 6.56 7.40 -8.23
N THR A 174 6.50 8.48 -9.01
CA THR A 174 6.78 9.84 -8.57
C THR A 174 5.49 10.61 -8.14
N ALA A 175 5.62 11.68 -7.34
CA ALA A 175 4.46 12.42 -6.76
C ALA A 175 3.59 13.26 -7.73
N SER A 176 4.17 13.70 -8.86
CA SER A 176 3.35 14.04 -10.04
C SER A 176 3.02 12.75 -10.83
N LEU A 177 1.73 12.36 -10.79
CA LEU A 177 1.28 11.02 -11.21
C LEU A 177 0.64 10.96 -12.61
N LYS A 178 0.82 9.81 -13.26
CA LYS A 178 0.27 9.56 -14.58
C LYS A 178 -1.25 9.57 -14.64
N TYR A 179 -1.89 9.16 -13.55
CA TYR A 179 -3.35 9.12 -13.50
C TYR A 179 -3.80 9.93 -12.30
N SER A 180 -4.20 11.17 -12.54
CA SER A 180 -4.65 12.06 -11.47
C SER A 180 -6.14 12.31 -11.62
N LEU A 181 -6.88 12.03 -10.55
CA LEU A 181 -8.31 12.25 -10.54
C LEU A 181 -8.60 13.72 -10.70
N ASP A 182 -9.58 14.05 -11.54
CA ASP A 182 -9.94 15.44 -11.79
C ASP A 182 -10.33 16.29 -10.58
N VAL A 183 -10.21 17.59 -10.72
CA VAL A 183 -10.51 18.51 -9.65
C VAL A 183 -12.01 18.63 -9.42
N GLU A 184 -12.75 18.51 -10.51
CA GLU A 184 -14.20 18.63 -10.46
C GLU A 184 -14.84 17.38 -9.93
N THR A 185 -14.13 16.30 -10.09
CA THR A 185 -14.64 15.03 -9.65
C THR A 185 -14.45 14.99 -8.17
N MET A 186 -13.25 15.31 -7.77
CA MET A 186 -12.91 15.30 -6.38
C MET A 186 -13.87 16.12 -5.52
N ARG A 187 -14.24 17.30 -5.99
CA ARG A 187 -15.09 18.18 -5.22
C ARG A 187 -16.43 17.54 -4.98
N GLY A 188 -16.93 16.85 -6.00
CA GLY A 188 -18.20 16.19 -5.88
C GLY A 188 -18.14 15.06 -4.91
N LEU A 189 -17.09 14.28 -5.05
CA LEU A 189 -16.86 13.17 -4.18
C LEU A 189 -16.71 13.64 -2.76
N ILE A 190 -15.88 14.66 -2.59
CA ILE A 190 -15.63 15.17 -1.25
C ILE A 190 -16.84 15.90 -0.68
N GLU A 191 -17.57 16.68 -1.50
CA GLU A 191 -18.80 17.31 -0.97
C GLU A 191 -19.69 16.23 -0.39
N ARG A 192 -19.75 15.10 -1.12
CA ARG A 192 -20.60 13.95 -0.79
C ARG A 192 -20.10 13.14 0.42
N ASN A 193 -18.81 12.82 0.42
CA ASN A 193 -18.24 11.84 1.37
C ASN A 193 -17.31 12.33 2.51
N GLY A 194 -16.63 13.47 2.30
CA GLY A 194 -15.67 13.99 3.25
C GLY A 194 -14.24 13.50 2.95
N MET A 195 -13.42 13.52 4.01
CA MET A 195 -11.95 13.27 3.94
C MET A 195 -11.52 12.77 5.28
N VAL A 196 -10.70 11.70 5.30
CA VAL A 196 -10.16 11.11 6.56
C VAL A 196 -8.68 10.76 6.35
N ALA A 197 -7.82 11.17 7.31
CA ALA A 197 -6.39 10.83 7.35
C ALA A 197 -6.24 9.93 8.55
N PRO A 198 -6.32 8.62 8.31
CA PRO A 198 -6.22 7.72 9.44
C PRO A 198 -4.88 7.88 10.13
N LYS A 199 -4.92 7.79 11.45
CA LYS A 199 -3.77 7.96 12.30
C LYS A 199 -3.54 6.71 13.13
N GLY A 200 -2.30 6.51 13.56
CA GLY A 200 -2.14 5.56 14.68
C GLY A 200 -0.70 5.41 15.06
N PRO A 201 -0.46 4.62 16.05
CA PRO A 201 0.90 4.47 16.52
C PRO A 201 1.71 3.59 15.66
N ARG A 202 3.00 3.67 15.91
CA ARG A 202 4.01 2.81 15.27
C ARG A 202 3.61 1.39 15.41
N GLY A 203 3.76 0.59 14.34
CA GLY A 203 3.43 -0.82 14.39
C GLY A 203 1.98 -1.14 14.03
N SER A 204 1.21 -0.08 13.75
CA SER A 204 -0.11 -0.19 13.25
C SER A 204 -0.09 -0.61 11.79
N VAL A 205 -1.21 -1.17 11.37
CA VAL A 205 -1.47 -1.48 9.95
C VAL A 205 -2.73 -0.77 9.45
N LEU A 206 -2.61 -0.11 8.31
CA LEU A 206 -3.71 0.51 7.66
C LEU A 206 -4.02 -0.26 6.38
N TRP A 207 -5.18 -0.85 6.34
CA TRP A 207 -5.67 -1.62 5.19
C TRP A 207 -6.46 -0.68 4.35
N PHE A 208 -6.17 -0.60 3.07
CA PHE A 208 -7.00 0.13 2.17
C PHE A 208 -7.25 -0.49 0.79
N ASP A 209 -8.47 -0.26 0.30
CA ASP A 209 -8.96 -0.80 -0.94
C ASP A 209 -8.22 -0.30 -2.16
N ALA A 210 -8.04 -1.14 -3.14
CA ALA A 210 -7.34 -0.74 -4.37
C ALA A 210 -7.94 0.45 -5.14
N ASN A 211 -9.23 0.71 -4.91
CA ASN A 211 -9.94 1.77 -5.63
C ASN A 211 -10.28 3.01 -4.76
N ILE A 212 -9.77 3.05 -3.53
CA ILE A 212 -10.07 4.18 -2.68
C ILE A 212 -9.22 5.31 -3.21
N PRO A 213 -9.83 6.49 -3.42
CA PRO A 213 -9.01 7.65 -3.80
C PRO A 213 -8.24 8.15 -2.64
N HIS A 214 -6.96 8.39 -2.83
CA HIS A 214 -6.12 8.82 -1.72
C HIS A 214 -5.04 9.76 -2.13
N SER A 215 -4.56 10.46 -1.12
CA SER A 215 -3.53 11.48 -1.32
C SER A 215 -2.85 11.74 0.00
N SER A 216 -1.79 12.54 -0.07
CA SER A 216 -1.07 13.02 1.16
C SER A 216 -0.34 14.35 0.92
N VAL A 217 0.06 15.00 2.00
CA VAL A 217 0.77 16.30 1.91
C VAL A 217 2.12 16.14 2.56
N PRO A 218 2.98 17.18 2.49
CA PRO A 218 4.30 16.99 3.06
C PRO A 218 4.32 16.84 4.56
N ASN A 219 5.47 16.44 5.06
CA ASN A 219 5.69 16.19 6.48
C ASN A 219 6.30 17.48 7.00
N ILE A 220 5.52 18.21 7.78
CA ILE A 220 6.03 19.43 8.43
C ILE A 220 6.42 19.17 9.90
N SER A 221 6.55 17.91 10.30
CA SER A 221 6.96 17.57 11.66
C SER A 221 8.48 17.35 11.62
N PRO A 222 9.12 17.33 12.79
CA PRO A 222 10.50 16.86 12.94
C PRO A 222 10.65 15.31 13.03
N PHE A 223 9.55 14.56 12.94
CA PHE A 223 9.56 13.07 12.90
C PHE A 223 9.35 12.49 11.49
N ASP A 224 10.12 11.46 11.15
CA ASP A 224 9.96 10.72 9.89
C ASP A 224 8.66 9.96 9.91
N ARG A 225 8.08 9.77 8.72
CA ARG A 225 6.94 8.88 8.48
C ARG A 225 7.27 7.74 7.43
N GLY A 226 7.75 6.59 7.93
CA GLY A 226 8.08 5.41 7.08
C GLY A 226 6.89 4.51 6.95
N LEU A 227 6.60 4.06 5.74
CA LEU A 227 5.48 3.13 5.55
C LEU A 227 5.95 1.94 4.70
N VAL A 228 5.66 0.72 5.14
CA VAL A 228 5.83 -0.45 4.25
C VAL A 228 4.43 -0.80 3.70
N LEU A 229 4.28 -0.84 2.38
CA LEU A 229 3.01 -1.10 1.74
C LEU A 229 3.07 -2.39 0.96
N ILE A 230 2.20 -3.31 1.31
CA ILE A 230 2.14 -4.65 0.64
C ILE A 230 0.82 -4.71 -0.09
N THR A 231 0.84 -4.83 -1.38
CA THR A 231 -0.37 -4.92 -2.11
C THR A 231 -0.69 -6.41 -2.36
N TYR A 232 -1.70 -6.91 -1.66
CA TYR A 232 -2.18 -8.26 -1.93
C TYR A 232 -3.20 -8.24 -3.03
N ASN A 233 -3.07 -9.19 -3.94
CA ASN A 233 -4.14 -9.46 -4.94
C ASN A 233 -4.71 -10.89 -4.85
N SER A 234 -5.99 -10.99 -5.13
CA SER A 234 -6.69 -12.26 -5.21
C SER A 234 -6.06 -13.09 -6.31
N VAL A 235 -5.83 -14.37 -6.06
CA VAL A 235 -5.29 -15.25 -7.10
C VAL A 235 -6.27 -15.38 -8.28
N GLU A 236 -7.56 -15.50 -7.99
CA GLU A 236 -8.50 -15.49 -9.08
C GLU A 236 -8.41 -14.25 -10.01
N ASN A 237 -8.12 -13.09 -9.38
CA ASN A 237 -7.93 -11.79 -10.05
C ASN A 237 -6.50 -11.50 -10.50
N LYS A 238 -5.70 -12.54 -10.74
CA LYS A 238 -4.29 -12.40 -11.13
C LYS A 238 -4.22 -11.55 -12.35
N THR A 239 -3.15 -10.80 -12.51
CA THR A 239 -3.03 -9.89 -13.62
C THR A 239 -2.80 -10.64 -14.94
N ASP A 240 -3.34 -10.05 -16.01
CA ASP A 240 -3.15 -10.56 -17.33
C ASP A 240 -1.78 -10.12 -17.77
N VAL A 241 -0.91 -11.11 -17.79
CA VAL A 241 0.51 -10.96 -17.98
C VAL A 241 0.74 -10.63 -19.46
N THR A 242 -0.26 -10.87 -20.33
CA THR A 242 -0.14 -10.52 -21.76
C THR A 242 -0.25 -9.01 -22.02
N ARG A 243 -1.13 -8.31 -21.30
CA ARG A 243 -1.21 -6.83 -21.31
C ARG A 243 -0.15 -6.11 -20.41
N GLY A 244 0.79 -6.85 -19.83
CA GLY A 244 1.75 -6.31 -18.88
C GLY A 244 2.90 -5.48 -19.47
N THR A 245 3.04 -4.28 -18.96
CA THR A 245 4.01 -3.31 -19.45
C THR A 245 5.27 -3.20 -18.54
N ARG A 246 5.12 -3.43 -17.21
CA ARG A 246 6.14 -3.13 -16.17
C ARG A 246 6.90 -4.36 -15.72
N PRO A 247 8.01 -4.22 -14.99
CA PRO A 247 8.78 -5.42 -14.54
C PRO A 247 8.33 -6.06 -13.17
N GLU A 248 8.77 -7.31 -12.91
CA GLU A 248 8.45 -8.12 -11.68
C GLU A 248 8.35 -7.31 -10.37
N TRP A 249 9.29 -6.37 -10.20
CA TRP A 249 9.42 -5.60 -8.97
C TRP A 249 8.45 -4.47 -8.83
N LEU A 250 7.69 -4.18 -9.87
CA LEU A 250 6.50 -3.31 -9.75
C LEU A 250 5.16 -4.06 -9.81
N ALA A 251 5.13 -5.16 -10.56
CA ALA A 251 3.94 -5.91 -10.87
C ALA A 251 4.30 -7.39 -10.88
N ALA A 252 3.87 -8.16 -9.89
CA ALA A 252 4.46 -9.51 -9.79
C ALA A 252 3.78 -10.42 -10.79
N ARG A 253 4.51 -11.45 -11.19
CA ARG A 253 4.07 -12.47 -12.14
C ARG A 253 4.08 -13.92 -11.63
N ASP A 254 4.56 -14.16 -10.41
CA ASP A 254 4.43 -15.43 -9.78
C ASP A 254 3.12 -15.41 -8.98
N PHE A 255 2.12 -16.08 -9.49
CA PHE A 255 0.79 -16.14 -8.87
C PHE A 255 0.51 -17.32 -7.91
N THR A 256 1.53 -18.02 -7.45
CA THR A 256 1.40 -19.04 -6.46
C THR A 256 0.64 -18.53 -5.21
N PRO A 257 -0.36 -19.25 -4.74
CA PRO A 257 -1.04 -18.79 -3.54
C PRO A 257 -0.18 -18.85 -2.32
N LEU A 258 -0.17 -17.80 -1.55
CA LEU A 258 0.71 -17.80 -0.42
C LEU A 258 0.14 -18.62 0.77
N THR A 259 0.99 -19.12 1.63
CA THR A 259 0.55 -19.78 2.83
C THR A 259 1.39 -19.15 3.90
N ALA A 260 0.91 -19.23 5.12
CA ALA A 260 1.42 -18.43 6.18
C ALA A 260 2.69 -19.03 6.69
N LEU A 261 3.47 -18.22 7.40
CA LEU A 261 4.73 -18.65 8.02
C LEU A 261 4.37 -19.65 9.07
N GLN A 262 5.04 -20.78 9.08
CA GLN A 262 4.78 -21.76 10.14
C GLN A 262 5.76 -21.58 11.28
N ALA A 263 5.39 -22.05 12.46
CA ALA A 263 6.27 -21.97 13.66
C ALA A 263 7.40 -22.97 13.51
N THR A 264 8.63 -22.46 13.54
CA THR A 264 9.82 -23.22 13.47
C THR A 264 10.81 -22.77 14.58
N SER A 265 11.75 -23.65 14.87
CA SER A 265 12.85 -23.42 15.83
C SER A 265 13.89 -22.47 15.30
N PHE A 266 13.75 -22.08 14.06
CA PHE A 266 14.50 -21.03 13.48
C PHE A 266 13.75 -20.33 12.29
C HY3 B . 1.77 2.35 -8.91
O HY3 B . 1.57 1.16 -9.22
N HY3 B . 2.32 4.10 -7.25
CA HY3 B . 1.83 2.75 -7.47
C3 HY3 B . 0.40 2.86 -6.98
C4 HY3 B . -0.01 4.27 -7.40
C5 HY3 B . 1.27 5.09 -7.20
O2 HY3 B . 0.40 2.69 -5.55
OXT HY3 B . 1.90 3.22 -9.78
#